data_3UR9
#
_entry.id   3UR9
#
_cell.length_a   37.649
_cell.length_b   66.865
_cell.length_c   125.109
_cell.angle_alpha   90.000
_cell.angle_beta   90.000
_cell.angle_gamma   90.000
#
_symmetry.space_group_name_H-M   'P 21 21 21'
#
loop_
_entity.id
_entity.type
_entity.pdbx_description
1 polymer '3C-like protease'
2 non-polymer 'CHLORIDE ION'
3 non-polymer '(1S,2S)-2-({N-[(benzyloxy)carbonyl]-L-leucyl}amino)-1-hydroxy-3-[(3S)-2-oxopyrrolidin-3-yl]propane-1-sulfonic acid'
4 water water
#
_entity_poly.entity_id   1
_entity_poly.type   'polypeptide(L)'
_entity_poly.pdbx_seq_one_letter_code
;HHHHHHMAPPTLWSRVTKFGSGWGFWVSPTVFITTTHVVPTGVKEFFGEPLSSIAIHQAGEFTQFRFSKKMRPDLTGMVL
EEGCPEGTVCSVLIKRDSGELLPLAVRMGAIASMRIQGRLVHGQSGMLLTGANAKGMDLGTIPGDCGAPYVHKRGNDWVV
CGVHAAATKSGNTVVCAVQAGEGETALE
;
_entity_poly.pdbx_strand_id   A,B
#
# COMPACT_ATOMS: atom_id res chain seq x y z
N HIS A 6 8.42 18.44 0.64
CA HIS A 6 8.88 17.30 1.47
C HIS A 6 8.25 16.04 0.92
N MET A 7 9.05 14.99 0.81
CA MET A 7 8.60 13.76 0.16
C MET A 7 8.07 12.75 1.21
N ALA A 8 6.86 12.26 1.04
CA ALA A 8 6.27 11.33 2.03
C ALA A 8 6.95 9.95 1.91
N PRO A 9 7.42 9.43 3.04
CA PRO A 9 8.12 8.14 3.04
C PRO A 9 7.14 6.97 3.04
N PRO A 10 7.69 5.79 2.78
CA PRO A 10 6.79 4.61 2.70
C PRO A 10 5.92 4.38 3.92
N THR A 11 6.45 4.53 5.14
CA THR A 11 5.66 4.28 6.33
CA THR A 11 5.64 4.29 6.36
C THR A 11 4.46 5.22 6.42
N LEU A 12 4.63 6.43 5.91
CA LEU A 12 3.53 7.37 5.93
C LEU A 12 2.44 6.92 4.98
N TRP A 13 2.86 6.46 3.79
CA TRP A 13 1.92 5.90 2.84
C TRP A 13 1.22 4.70 3.44
N SER A 14 1.94 3.93 4.25
CA SER A 14 1.37 2.67 4.76
C SER A 14 0.19 2.92 5.70
N ARG A 15 0.05 4.16 6.16
CA ARG A 15 -1.05 4.56 7.01
C ARG A 15 -2.37 4.73 6.23
N VAL A 16 -2.27 4.95 4.92
CA VAL A 16 -3.42 5.22 4.09
C VAL A 16 -4.03 3.87 3.69
N THR A 17 -5.27 3.66 4.12
CA THR A 17 -5.94 2.37 4.15
C THR A 17 -7.26 2.37 3.45
N LYS A 18 -7.48 1.41 2.56
CA LYS A 18 -8.74 1.34 1.84
C LYS A 18 -9.87 1.19 2.87
N PHE A 19 -10.95 1.96 2.69
CA PHE A 19 -11.99 1.98 3.71
C PHE A 19 -13.33 2.42 3.14
N GLY A 20 -14.36 1.57 3.19
CA GLY A 20 -15.66 1.97 2.67
C GLY A 20 -15.57 2.35 1.20
N SER A 21 -16.17 3.48 0.83
CA SER A 21 -16.07 3.96 -0.54
C SER A 21 -14.89 4.91 -0.78
N GLY A 22 -13.94 4.90 0.14
CA GLY A 22 -12.77 5.73 0.00
C GLY A 22 -11.62 5.14 0.78
N TRP A 23 -11.04 5.99 1.62
CA TRP A 23 -9.81 5.68 2.35
C TRP A 23 -9.92 6.22 3.75
N GLY A 24 -9.05 5.75 4.62
CA GLY A 24 -8.80 6.40 5.92
C GLY A 24 -7.33 6.38 6.25
N PHE A 25 -6.97 6.83 7.45
CA PHE A 25 -5.57 7.05 7.75
C PHE A 25 -5.29 6.74 9.21
N TRP A 26 -4.30 5.88 9.46
CA TRP A 26 -3.83 5.60 10.83
C TRP A 26 -2.95 6.71 11.37
N VAL A 27 -3.50 7.49 12.30
CA VAL A 27 -2.76 8.59 12.94
C VAL A 27 -1.79 8.00 13.99
N SER A 28 -2.18 6.85 14.54
CA SER A 28 -1.36 6.15 15.53
C SER A 28 -1.81 4.70 15.56
N PRO A 29 -1.24 3.91 16.47
CA PRO A 29 -1.70 2.53 16.50
C PRO A 29 -3.18 2.32 16.83
N THR A 30 -3.80 3.28 17.49
CA THR A 30 -5.19 3.17 17.84
C THR A 30 -6.14 4.15 17.23
N VAL A 31 -5.64 5.18 16.53
CA VAL A 31 -6.50 6.24 16.05
C VAL A 31 -6.54 6.20 14.51
N PHE A 32 -7.75 6.15 13.97
CA PHE A 32 -7.99 6.09 12.53
C PHE A 32 -8.93 7.25 12.16
N ILE A 33 -8.62 7.98 11.12
CA ILE A 33 -9.47 9.06 10.65
C ILE A 33 -9.90 8.85 9.20
N THR A 34 -11.09 9.33 8.87
CA THR A 34 -11.62 9.18 7.53
C THR A 34 -12.70 10.26 7.31
N THR A 35 -13.25 10.31 6.12
CA THR A 35 -14.31 11.26 5.77
C THR A 35 -15.67 10.61 5.98
N THR A 36 -16.54 11.26 6.70
CA THR A 36 -17.76 10.59 7.12
C THR A 36 -18.52 9.88 6.01
N HIS A 37 -18.66 10.50 4.86
CA HIS A 37 -19.57 9.92 3.88
C HIS A 37 -19.02 8.67 3.19
N VAL A 38 -17.76 8.31 3.43
CA VAL A 38 -17.25 7.07 2.84
C VAL A 38 -17.42 5.92 3.83
N VAL A 39 -17.79 6.23 5.06
CA VAL A 39 -17.88 5.21 6.09
C VAL A 39 -19.09 4.26 5.90
N PRO A 40 -18.84 2.95 5.93
CA PRO A 40 -19.95 2.00 5.82
C PRO A 40 -20.99 2.19 6.93
N THR A 41 -22.27 2.29 6.60
CA THR A 41 -23.28 2.48 7.63
C THR A 41 -23.97 1.16 7.98
N GLY A 42 -24.48 1.08 9.21
CA GLY A 42 -25.18 -0.09 9.69
C GLY A 42 -24.30 -1.26 10.12
N VAL A 43 -22.98 -1.13 10.00
CA VAL A 43 -22.10 -2.26 10.38
C VAL A 43 -21.99 -2.34 11.90
N LYS A 44 -21.51 -3.46 12.39
CA LYS A 44 -21.40 -3.68 13.82
C LYS A 44 -19.95 -3.89 14.24
N GLU A 45 -19.04 -3.82 13.27
CA GLU A 45 -17.61 -3.87 13.56
C GLU A 45 -16.81 -3.10 12.52
N PHE A 46 -15.64 -2.62 12.94
CA PHE A 46 -14.64 -2.05 12.05
C PHE A 46 -13.32 -2.76 12.30
N PHE A 47 -12.68 -3.22 11.23
CA PHE A 47 -11.40 -3.93 11.32
C PHE A 47 -11.50 -5.05 12.33
N GLY A 48 -12.67 -5.67 12.39
CA GLY A 48 -12.91 -6.85 13.20
C GLY A 48 -13.21 -6.54 14.66
N GLU A 49 -13.15 -5.27 15.03
CA GLU A 49 -13.46 -4.84 16.39
C GLU A 49 -14.90 -4.38 16.50
N PRO A 50 -15.59 -4.85 17.54
CA PRO A 50 -17.01 -4.44 17.72
C PRO A 50 -17.13 -2.96 18.01
N LEU A 51 -18.24 -2.36 17.62
CA LEU A 51 -18.41 -0.92 17.87
C LEU A 51 -18.11 -0.59 19.34
N SER A 52 -18.60 -1.45 20.23
CA SER A 52 -18.52 -1.24 21.66
C SER A 52 -17.11 -0.95 22.10
N SER A 53 -16.15 -1.41 21.31
CA SER A 53 -14.75 -1.31 21.68
C SER A 53 -14.11 -0.08 21.05
N ILE A 54 -14.90 0.73 20.35
CA ILE A 54 -14.33 1.85 19.59
C ILE A 54 -14.98 3.17 20.02
N ALA A 55 -14.16 4.18 20.27
CA ALA A 55 -14.72 5.49 20.56
C ALA A 55 -14.80 6.21 19.23
N ILE A 56 -16.02 6.55 18.83
CA ILE A 56 -16.25 7.22 17.52
C ILE A 56 -16.80 8.62 17.70
N HIS A 57 -16.15 9.59 17.06
CA HIS A 57 -16.64 10.95 17.03
C HIS A 57 -16.71 11.36 15.58
N GLN A 58 -17.87 11.83 15.13
CA GLN A 58 -18.06 12.28 13.75
C GLN A 58 -18.68 13.68 13.81
N ALA A 59 -18.14 14.60 13.03
CA ALA A 59 -18.76 15.92 12.89
C ALA A 59 -18.23 16.60 11.66
N GLY A 60 -19.11 17.26 10.91
CA GLY A 60 -18.62 18.13 9.84
C GLY A 60 -17.81 17.38 8.76
N GLU A 61 -18.23 16.13 8.50
CA GLU A 61 -17.61 15.20 7.54
C GLU A 61 -16.26 14.65 7.97
N PHE A 62 -15.88 14.93 9.22
CA PHE A 62 -14.64 14.37 9.79
C PHE A 62 -14.99 13.27 10.76
N THR A 63 -14.44 12.06 10.52
CA THR A 63 -14.71 10.94 11.42
C THR A 63 -13.41 10.46 12.08
N GLN A 64 -13.46 10.25 13.38
CA GLN A 64 -12.33 9.69 14.11
C GLN A 64 -12.73 8.43 14.89
N PHE A 65 -11.94 7.38 14.73
CA PHE A 65 -12.06 6.14 15.51
C PHE A 65 -10.88 6.00 16.47
N ARG A 66 -11.16 5.65 17.74
CA ARG A 66 -10.12 5.28 18.68
C ARG A 66 -10.43 3.90 19.22
N PHE A 67 -9.55 2.97 18.85
CA PHE A 67 -9.70 1.56 19.18
C PHE A 67 -9.13 1.31 20.56
N SER A 68 -9.71 0.33 21.24
CA SER A 68 -9.22 -0.14 22.51
C SER A 68 -7.94 -0.95 22.46
N LYS A 69 -7.68 -1.49 21.30
CA LYS A 69 -6.57 -2.40 21.09
C LYS A 69 -5.64 -1.71 20.09
N LYS A 70 -4.35 -2.00 20.16
CA LYS A 70 -3.45 -1.48 19.13
C LYS A 70 -3.73 -2.23 17.83
N MET A 71 -4.13 -1.47 16.83
CA MET A 71 -4.49 -2.02 15.52
C MET A 71 -3.29 -1.96 14.57
N ARG A 72 -2.48 -0.89 14.69
CA ARG A 72 -1.25 -0.78 13.90
C ARG A 72 -0.09 -0.55 14.87
N PRO A 73 0.28 -1.62 15.59
CA PRO A 73 1.34 -1.44 16.59
C PRO A 73 2.71 -1.13 16.01
N ASP A 74 2.87 -1.29 14.69
CA ASP A 74 4.13 -0.87 14.05
C ASP A 74 4.33 0.63 13.91
N LEU A 75 3.27 1.41 14.05
CA LEU A 75 3.33 2.83 13.82
C LEU A 75 3.63 3.66 15.06
N THR A 76 4.29 4.78 14.85
CA THR A 76 4.36 5.78 15.88
C THR A 76 3.13 6.70 15.76
N GLY A 77 2.81 7.40 16.84
CA GLY A 77 1.71 8.37 16.77
C GLY A 77 2.16 9.68 16.20
N MET A 78 1.36 10.25 15.32
CA MET A 78 1.74 11.55 14.78
C MET A 78 0.73 12.60 15.22
N VAL A 79 1.10 13.87 14.99
CA VAL A 79 0.27 14.99 15.40
C VAL A 79 -0.89 15.15 14.42
N LEU A 80 -2.08 15.25 14.98
CA LEU A 80 -3.29 15.57 14.25
C LEU A 80 -3.72 16.95 14.68
N GLU A 81 -3.81 17.82 13.69
CA GLU A 81 -4.24 19.20 13.96
C GLU A 81 -5.51 19.55 13.20
N GLU A 82 -6.19 20.61 13.69
CA GLU A 82 -7.43 21.10 13.06
C GLU A 82 -7.04 22.01 11.91
N GLY A 83 -6.82 21.39 10.76
CA GLY A 83 -6.39 22.15 9.59
C GLY A 83 -4.98 22.65 9.78
N CYS A 84 -4.59 23.59 8.94
CA CYS A 84 -3.25 24.13 9.00
C CYS A 84 -3.32 25.61 8.72
N PRO A 85 -2.19 26.29 8.97
CA PRO A 85 -2.19 27.72 8.65
C PRO A 85 -2.41 28.00 7.17
N GLU A 86 -3.19 29.06 6.89
CA GLU A 86 -3.46 29.45 5.51
C GLU A 86 -2.14 29.69 4.78
N GLY A 87 -2.00 29.14 3.58
CA GLY A 87 -0.76 29.28 2.85
C GLY A 87 0.16 28.08 2.94
N THR A 88 -0.09 27.20 3.92
CA THR A 88 0.66 25.97 4.03
C THR A 88 0.46 25.11 2.79
N VAL A 89 1.55 24.57 2.26
CA VAL A 89 1.43 23.62 1.15
C VAL A 89 1.42 22.20 1.73
N CYS A 90 0.31 21.54 1.55
CA CYS A 90 0.17 20.18 2.03
C CYS A 90 0.37 19.22 0.90
N SER A 91 0.50 17.97 1.26
CA SER A 91 0.43 16.88 0.30
CA SER A 91 0.44 16.86 0.31
C SER A 91 -0.82 16.06 0.59
N VAL A 92 -1.59 15.75 -0.44
CA VAL A 92 -2.73 14.87 -0.28
C VAL A 92 -2.27 13.48 -0.72
N LEU A 93 -2.25 12.52 0.19
CA LEU A 93 -1.65 11.20 -0.13
C LEU A 93 -2.70 10.30 -0.70
N ILE A 94 -2.92 10.45 -2.02
CA ILE A 94 -3.94 9.72 -2.73
C ILE A 94 -3.39 8.36 -3.17
N LYS A 95 -4.05 7.31 -2.71
CA LYS A 95 -3.81 5.97 -3.32
C LYS A 95 -4.96 5.72 -4.25
N ARG A 96 -4.67 5.10 -5.38
CA ARG A 96 -5.72 4.67 -6.28
C ARG A 96 -5.90 3.14 -6.15
N ASP A 97 -7.07 2.65 -6.55
CA ASP A 97 -7.37 1.22 -6.43
C ASP A 97 -6.34 0.34 -7.15
N SER A 98 -5.75 0.88 -8.21
CA SER A 98 -4.68 0.19 -8.98
C SER A 98 -3.41 -0.05 -8.16
N GLY A 99 -3.24 0.69 -7.06
CA GLY A 99 -1.97 0.69 -6.36
C GLY A 99 -1.15 1.93 -6.54
N GLU A 100 -1.47 2.72 -7.58
CA GLU A 100 -0.70 3.92 -7.85
C GLU A 100 -0.75 4.87 -6.68
N LEU A 101 0.40 5.47 -6.40
CA LEU A 101 0.49 6.58 -5.44
C LEU A 101 0.48 7.91 -6.18
N LEU A 102 -0.42 8.82 -5.80
CA LEU A 102 -0.57 10.10 -6.46
C LEU A 102 -0.60 11.23 -5.42
N PRO A 103 0.57 11.58 -4.85
CA PRO A 103 0.67 12.69 -3.91
C PRO A 103 0.40 13.99 -4.67
N LEU A 104 -0.58 14.73 -4.21
CA LEU A 104 -0.90 16.00 -4.86
C LEU A 104 -0.51 17.16 -3.94
N ALA A 105 0.16 18.18 -4.47
CA ALA A 105 0.58 19.31 -3.70
C ALA A 105 -0.59 20.32 -3.68
N VAL A 106 -0.92 20.87 -2.53
CA VAL A 106 -2.07 21.78 -2.43
C VAL A 106 -1.73 22.97 -1.52
N ARG A 107 -1.99 24.18 -2.00
CA ARG A 107 -1.81 25.36 -1.17
C ARG A 107 -3.09 25.61 -0.44
N MET A 108 -3.05 25.50 0.88
CA MET A 108 -4.29 25.59 1.63
C MET A 108 -4.77 27.03 1.82
N GLY A 109 -6.09 27.18 1.81
CA GLY A 109 -6.76 28.45 2.05
C GLY A 109 -7.44 28.46 3.41
N ALA A 110 -8.65 28.96 3.48
CA ALA A 110 -9.25 29.20 4.78
C ALA A 110 -10.06 28.01 5.27
N ILE A 111 -10.11 27.90 6.61
CA ILE A 111 -10.98 26.98 7.31
C ILE A 111 -12.36 27.59 7.47
N ALA A 112 -13.36 26.80 7.16
CA ALA A 112 -14.71 27.32 7.21
C ALA A 112 -15.70 26.20 7.33
N SER A 113 -16.88 26.51 7.86
CA SER A 113 -17.98 25.58 7.84
C SER A 113 -18.75 25.83 6.57
N MET A 114 -18.83 24.81 5.72
CA MET A 114 -19.36 25.00 4.36
C MET A 114 -20.47 24.01 4.11
N ARG A 115 -21.35 24.34 3.17
CA ARG A 115 -22.36 23.40 2.73
C ARG A 115 -21.94 22.97 1.34
N ILE A 116 -21.66 21.68 1.18
CA ILE A 116 -21.25 21.18 -0.12
C ILE A 116 -22.20 20.06 -0.46
N GLN A 117 -22.94 20.23 -1.56
CA GLN A 117 -23.96 19.28 -2.01
C GLN A 117 -24.88 18.89 -0.86
N GLY A 118 -25.34 19.90 -0.12
CA GLY A 118 -26.24 19.72 1.00
C GLY A 118 -25.62 19.25 2.32
N ARG A 119 -24.37 18.77 2.28
CA ARG A 119 -23.71 18.25 3.48
C ARG A 119 -22.89 19.33 4.18
N LEU A 120 -22.99 19.42 5.51
CA LEU A 120 -22.15 20.33 6.26
C LEU A 120 -20.70 19.83 6.39
N VAL A 121 -19.77 20.56 5.79
CA VAL A 121 -18.35 20.21 5.87
C VAL A 121 -17.64 21.28 6.69
N HIS A 122 -17.15 20.89 7.85
CA HIS A 122 -16.20 21.73 8.53
C HIS A 122 -14.85 21.40 7.95
N GLY A 123 -14.33 22.30 7.13
CA GLY A 123 -13.14 21.95 6.39
C GLY A 123 -12.25 23.11 6.04
N GLN A 124 -11.32 22.81 5.16
CA GLN A 124 -10.35 23.77 4.69
C GLN A 124 -10.23 23.59 3.18
N SER A 125 -10.33 24.69 2.44
CA SER A 125 -10.17 24.61 1.01
C SER A 125 -8.71 24.76 0.65
N GLY A 126 -8.36 24.33 -0.55
CA GLY A 126 -7.00 24.52 -1.02
C GLY A 126 -6.96 24.53 -2.53
N MET A 127 -5.90 25.07 -3.12
CA MET A 127 -5.73 25.04 -4.57
C MET A 127 -4.64 24.03 -4.97
N LEU A 128 -4.97 23.16 -5.89
CA LEU A 128 -3.99 22.20 -6.39
C LEU A 128 -2.88 22.93 -7.12
N LEU A 129 -1.64 22.52 -6.85
CA LEU A 129 -0.50 23.16 -7.50
C LEU A 129 -0.01 22.31 -8.69
N GLY A 140 -5.64 15.59 -10.80
CA GLY A 140 -6.90 15.90 -10.14
C GLY A 140 -7.45 14.78 -9.23
N THR A 141 -8.30 15.13 -8.27
CA THR A 141 -8.95 14.15 -7.40
C THR A 141 -10.22 13.66 -8.03
N ILE A 142 -10.60 12.44 -7.68
CA ILE A 142 -11.75 11.79 -8.27
C ILE A 142 -12.64 11.10 -7.25
N PRO A 143 -13.87 10.76 -7.66
CA PRO A 143 -14.66 9.96 -6.73
C PRO A 143 -13.88 8.70 -6.41
N GLY A 144 -13.92 8.31 -5.16
CA GLY A 144 -13.09 7.21 -4.67
C GLY A 144 -11.93 7.68 -3.79
N ASP A 145 -11.49 8.92 -3.97
CA ASP A 145 -10.30 9.46 -3.25
C ASP A 145 -10.64 10.00 -1.85
N CYS A 146 -11.94 10.17 -1.54
CA CYS A 146 -12.27 10.76 -0.23
C CYS A 146 -11.70 9.93 0.92
N GLY A 147 -11.27 10.63 1.97
CA GLY A 147 -10.58 10.02 3.08
C GLY A 147 -9.07 10.13 3.02
N ALA A 148 -8.50 10.39 1.85
CA ALA A 148 -7.05 10.56 1.75
C ALA A 148 -6.58 11.71 2.66
N PRO A 149 -5.43 11.53 3.32
CA PRO A 149 -4.99 12.51 4.33
C PRO A 149 -4.29 13.70 3.71
N TYR A 150 -4.46 14.88 4.32
CA TYR A 150 -3.70 16.07 3.96
C TYR A 150 -2.61 16.18 4.99
N VAL A 151 -1.35 16.14 4.58
CA VAL A 151 -0.24 16.18 5.51
C VAL A 151 0.78 17.22 5.15
N HIS A 152 1.55 17.63 6.16
CA HIS A 152 2.70 18.49 5.93
C HIS A 152 3.74 18.23 6.95
N LYS A 153 4.99 18.57 6.64
CA LYS A 153 6.07 18.26 7.54
C LYS A 153 6.52 19.53 8.22
N ARG A 154 6.60 19.44 9.52
CA ARG A 154 7.01 20.57 10.34
C ARG A 154 8.14 20.12 11.23
N GLY A 155 9.35 20.60 10.99
CA GLY A 155 10.50 20.05 11.70
C GLY A 155 10.68 18.56 11.44
N ASN A 156 10.79 17.77 12.51
CA ASN A 156 11.05 16.35 12.32
C ASN A 156 9.78 15.59 11.95
N ASP A 157 8.64 16.23 12.17
CA ASP A 157 7.41 15.50 12.32
C ASP A 157 6.45 15.74 11.17
N TRP A 158 5.86 14.65 10.69
CA TRP A 158 4.72 14.82 9.79
C TRP A 158 3.47 15.11 10.61
N VAL A 159 2.67 16.04 10.11
CA VAL A 159 1.42 16.45 10.72
C VAL A 159 0.28 16.11 9.76
N VAL A 160 -0.79 15.51 10.24
CA VAL A 160 -1.98 15.32 9.42
C VAL A 160 -3.00 16.33 9.86
N CYS A 161 -3.63 16.97 8.89
CA CYS A 161 -4.53 18.03 9.28
C CYS A 161 -5.88 17.99 8.61
N GLY A 162 -6.20 16.97 7.82
CA GLY A 162 -7.53 16.85 7.24
C GLY A 162 -7.62 15.59 6.43
N VAL A 163 -8.85 15.29 6.00
CA VAL A 163 -9.12 14.17 5.11
C VAL A 163 -9.92 14.63 3.90
N HIS A 164 -9.57 14.11 2.73
CA HIS A 164 -10.17 14.61 1.53
C HIS A 164 -11.70 14.46 1.51
N ALA A 165 -12.40 15.55 1.13
CA ALA A 165 -13.86 15.53 1.13
C ALA A 165 -14.53 16.00 -0.16
N ALA A 166 -13.93 16.92 -0.92
CA ALA A 166 -14.66 17.46 -2.05
C ALA A 166 -13.72 18.16 -2.99
N ALA A 167 -14.18 18.42 -4.22
CA ALA A 167 -13.39 19.25 -5.13
C ALA A 167 -14.33 19.94 -6.10
N THR A 168 -13.93 21.09 -6.59
CA THR A 168 -14.67 21.72 -7.67
C THR A 168 -14.61 20.95 -8.99
N LYS A 169 -15.60 21.20 -9.84
CA LYS A 169 -15.61 20.60 -11.18
C LYS A 169 -14.34 21.03 -11.93
N SER A 170 -13.98 22.31 -11.79
CA SER A 170 -12.77 22.88 -12.40
C SER A 170 -11.77 21.79 -12.82
N ASN A 172 -8.22 24.60 -9.89
CA ASN A 172 -8.97 23.53 -9.22
C ASN A 172 -8.81 23.53 -7.69
N THR A 173 -9.96 23.53 -7.04
CA THR A 173 -10.07 23.75 -5.62
C THR A 173 -10.48 22.43 -4.98
N VAL A 174 -9.82 22.09 -3.88
CA VAL A 174 -10.10 20.88 -3.15
C VAL A 174 -10.50 21.30 -1.74
N VAL A 175 -11.26 20.44 -1.07
CA VAL A 175 -11.62 20.66 0.32
C VAL A 175 -11.34 19.40 1.16
N CYS A 176 -10.64 19.58 2.29
CA CYS A 176 -10.55 18.53 3.30
C CYS A 176 -11.44 18.83 4.49
N ALA A 177 -12.04 17.77 5.05
CA ALA A 177 -12.70 17.89 6.35
C ALA A 177 -11.64 17.99 7.43
N VAL A 178 -11.89 18.81 8.45
CA VAL A 178 -10.97 18.95 9.58
C VAL A 178 -11.67 18.73 10.91
N GLN A 179 -10.90 18.38 11.92
CA GLN A 179 -11.47 18.01 13.17
C GLN A 179 -11.83 19.23 14.01
N ALA A 180 -13.09 19.35 14.41
CA ALA A 180 -13.53 20.34 15.41
C ALA A 180 -12.40 21.16 15.99
N MET B 7 17.02 1.56 0.80
CA MET B 7 15.58 1.87 1.12
C MET B 7 14.72 1.84 -0.16
N ALA B 8 13.76 0.92 -0.21
CA ALA B 8 12.84 0.90 -1.34
C ALA B 8 11.97 2.19 -1.27
N PRO B 9 11.85 2.92 -2.39
CA PRO B 9 11.00 4.11 -2.36
C PRO B 9 9.52 3.76 -2.41
N PRO B 10 8.66 4.70 -2.07
CA PRO B 10 7.23 4.46 -2.09
C PRO B 10 6.75 3.84 -3.40
N THR B 11 7.18 4.33 -4.56
CA THR B 11 6.73 3.79 -5.85
CA THR B 11 6.66 3.78 -5.81
C THR B 11 7.02 2.29 -5.98
N LEU B 12 8.16 1.88 -5.44
CA LEU B 12 8.58 0.45 -5.52
C LEU B 12 7.68 -0.39 -4.64
N TRP B 13 7.41 0.07 -3.43
CA TRP B 13 6.41 -0.56 -2.57
C TRP B 13 5.07 -0.65 -3.27
N SER B 14 4.74 0.37 -4.06
CA SER B 14 3.42 0.44 -4.66
C SER B 14 3.24 -0.65 -5.72
N ARG B 15 4.31 -1.27 -6.12
CA ARG B 15 4.25 -2.38 -7.05
C ARG B 15 3.78 -3.70 -6.39
N VAL B 16 3.91 -3.76 -5.07
CA VAL B 16 3.50 -4.93 -4.29
C VAL B 16 1.99 -4.86 -4.08
N THR B 17 1.30 -5.87 -4.60
CA THR B 17 -0.11 -5.87 -4.75
C THR B 17 -0.76 -7.12 -4.16
N LYS B 18 -1.83 -6.91 -3.39
CA LYS B 18 -2.55 -8.05 -2.81
C LYS B 18 -3.10 -8.94 -3.96
N PHE B 19 -2.98 -10.26 -3.82
CA PHE B 19 -3.32 -11.13 -4.94
C PHE B 19 -3.55 -12.54 -4.45
N GLY B 20 -4.75 -13.06 -4.66
CA GLY B 20 -5.02 -14.43 -4.22
C GLY B 20 -4.79 -14.56 -2.74
N SER B 21 -4.08 -15.61 -2.32
CA SER B 21 -3.78 -15.76 -0.91
C SER B 21 -2.41 -15.24 -0.58
N GLY B 22 -1.90 -14.31 -1.40
CA GLY B 22 -0.63 -13.71 -1.07
C GLY B 22 -0.53 -12.37 -1.75
N TRP B 23 0.54 -12.22 -2.49
CA TRP B 23 0.88 -10.95 -3.16
C TRP B 23 1.49 -11.21 -4.52
N GLY B 24 1.55 -10.15 -5.32
CA GLY B 24 2.34 -10.19 -6.53
C GLY B 24 3.03 -8.87 -6.69
N PHE B 25 3.73 -8.73 -7.81
CA PHE B 25 4.61 -7.56 -8.01
C PHE B 25 4.55 -7.12 -9.47
N TRP B 26 4.23 -5.84 -9.68
CA TRP B 26 4.27 -5.26 -11.02
C TRP B 26 5.70 -4.94 -11.40
N VAL B 27 6.22 -5.71 -12.35
CA VAL B 27 7.56 -5.52 -12.88
C VAL B 27 7.53 -4.32 -13.86
N SER B 28 6.39 -4.09 -14.47
CA SER B 28 6.25 -3.01 -15.45
C SER B 28 4.76 -2.80 -15.63
N PRO B 29 4.38 -1.88 -16.51
CA PRO B 29 2.95 -1.64 -16.69
C PRO B 29 2.16 -2.85 -17.13
N THR B 30 2.77 -3.88 -17.77
CA THR B 30 1.96 -4.98 -18.28
C THR B 30 2.36 -6.34 -17.72
N VAL B 31 3.43 -6.38 -16.90
CA VAL B 31 3.95 -7.63 -16.34
C VAL B 31 3.86 -7.71 -14.84
N PHE B 32 3.18 -8.75 -14.37
CA PHE B 32 2.93 -8.98 -12.96
C PHE B 32 3.48 -10.38 -12.63
N ILE B 33 4.23 -10.52 -11.54
CA ILE B 33 4.77 -11.82 -11.16
C ILE B 33 4.27 -12.18 -9.76
N THR B 34 4.15 -13.49 -9.51
CA THR B 34 3.72 -13.93 -8.18
C THR B 34 4.19 -15.36 -8.03
N THR B 35 3.84 -15.94 -6.90
CA THR B 35 4.16 -17.35 -6.61
C THR B 35 2.96 -18.22 -6.97
N THR B 36 3.18 -19.30 -7.71
CA THR B 36 2.07 -20.04 -8.30
C THR B 36 1.01 -20.46 -7.28
N HIS B 37 1.42 -20.96 -6.13
CA HIS B 37 0.44 -21.58 -5.22
C HIS B 37 -0.52 -20.54 -4.57
N VAL B 38 -0.20 -19.25 -4.69
CA VAL B 38 -1.16 -18.22 -4.19
C VAL B 38 -2.22 -17.80 -5.21
N VAL B 39 -2.06 -18.21 -6.48
CA VAL B 39 -3.01 -17.84 -7.51
C VAL B 39 -4.25 -18.74 -7.47
N PRO B 40 -5.46 -18.17 -7.33
CA PRO B 40 -6.62 -19.06 -7.25
C PRO B 40 -6.90 -19.74 -8.59
N THR B 41 -7.19 -21.04 -8.56
CA THR B 41 -7.51 -21.74 -9.79
C THR B 41 -8.98 -21.49 -10.09
N GLY B 42 -9.42 -21.87 -11.28
CA GLY B 42 -10.80 -21.67 -11.64
C GLY B 42 -11.14 -20.26 -12.08
N VAL B 43 -10.70 -19.23 -11.33
CA VAL B 43 -11.06 -17.85 -11.67
C VAL B 43 -10.78 -17.58 -13.13
N LYS B 44 -11.69 -16.83 -13.76
CA LYS B 44 -11.68 -16.68 -15.20
C LYS B 44 -11.27 -15.25 -15.63
N GLU B 45 -10.87 -14.44 -14.66
CA GLU B 45 -10.29 -13.12 -14.93
C GLU B 45 -9.31 -12.69 -13.83
N PHE B 46 -8.38 -11.80 -14.18
CA PHE B 46 -7.48 -11.19 -13.19
C PHE B 46 -7.44 -9.69 -13.38
N PHE B 47 -7.62 -8.94 -12.30
CA PHE B 47 -7.72 -7.49 -12.40
C PHE B 47 -8.70 -7.06 -13.47
N GLY B 48 -9.80 -7.79 -13.61
CA GLY B 48 -10.88 -7.39 -14.50
C GLY B 48 -10.67 -7.78 -15.96
N GLU B 49 -9.56 -8.46 -16.23
CA GLU B 49 -9.21 -8.92 -17.58
C GLU B 49 -9.44 -10.42 -17.73
N PRO B 50 -10.08 -10.84 -18.82
CA PRO B 50 -10.28 -12.28 -19.01
C PRO B 50 -8.97 -13.01 -19.32
N LEU B 51 -8.92 -14.30 -18.99
CA LEU B 51 -7.71 -15.08 -19.22
C LEU B 51 -7.24 -15.05 -20.67
N SER B 52 -8.18 -14.99 -21.61
CA SER B 52 -7.85 -14.92 -23.01
C SER B 52 -6.97 -13.71 -23.37
N SER B 53 -7.09 -12.64 -22.56
CA SER B 53 -6.31 -11.41 -22.76
C SER B 53 -4.97 -11.44 -22.02
N ILE B 54 -4.59 -12.58 -21.43
CA ILE B 54 -3.36 -12.64 -20.62
C ILE B 54 -2.46 -13.78 -21.07
N ALA B 55 -1.18 -13.47 -21.34
CA ALA B 55 -0.17 -14.54 -21.54
C ALA B 55 0.38 -14.97 -20.19
N ILE B 56 0.17 -16.23 -19.82
CA ILE B 56 0.55 -16.72 -18.52
C ILE B 56 1.63 -17.78 -18.68
N HIS B 57 2.72 -17.61 -17.94
CA HIS B 57 3.82 -18.58 -17.94
C HIS B 57 4.07 -18.99 -16.50
N GLN B 58 4.06 -20.30 -16.24
CA GLN B 58 4.18 -20.76 -14.88
C GLN B 58 5.15 -21.95 -14.89
N ALA B 59 6.14 -21.92 -14.00
CA ALA B 59 6.99 -23.08 -13.74
C ALA B 59 7.76 -22.93 -12.43
N GLY B 60 7.96 -24.04 -11.72
CA GLY B 60 8.78 -24.06 -10.51
C GLY B 60 8.33 -23.07 -9.45
N GLU B 61 7.02 -22.84 -9.43
CA GLU B 61 6.30 -21.99 -8.48
C GLU B 61 6.47 -20.51 -8.76
N PHE B 62 7.03 -20.19 -9.92
CA PHE B 62 7.13 -18.82 -10.39
C PHE B 62 6.07 -18.59 -11.47
N THR B 63 5.23 -17.58 -11.30
CA THR B 63 4.17 -17.28 -12.26
C THR B 63 4.33 -15.86 -12.80
N GLN B 64 4.28 -15.74 -14.12
CA GLN B 64 4.23 -14.43 -14.75
C GLN B 64 2.97 -14.25 -15.58
N PHE B 65 2.34 -13.08 -15.44
CA PHE B 65 1.20 -12.68 -16.24
C PHE B 65 1.65 -11.51 -17.11
N ARG B 66 1.37 -11.59 -18.40
CA ARG B 66 1.61 -10.50 -19.32
C ARG B 66 0.28 -10.03 -19.90
N PHE B 67 -0.09 -8.81 -19.56
CA PHE B 67 -1.38 -8.29 -19.95
C PHE B 67 -1.30 -7.62 -21.32
N SER B 68 -2.45 -7.51 -21.99
CA SER B 68 -2.50 -6.96 -23.36
C SER B 68 -2.78 -5.46 -23.33
N LYS B 69 -2.90 -4.93 -22.12
CA LYS B 69 -3.28 -3.55 -21.86
C LYS B 69 -2.38 -3.05 -20.76
N LYS B 70 -2.04 -1.76 -20.79
CA LYS B 70 -1.24 -1.18 -19.71
C LYS B 70 -2.06 -1.13 -18.44
N MET B 71 -1.64 -1.88 -17.40
CA MET B 71 -2.39 -1.99 -16.16
C MET B 71 -1.86 -1.01 -15.10
N ARG B 72 -0.57 -0.70 -15.16
CA ARG B 72 0.05 0.22 -14.23
C ARG B 72 0.92 1.16 -15.04
N PRO B 73 0.25 2.03 -15.82
CA PRO B 73 0.99 2.93 -16.71
C PRO B 73 1.87 3.90 -15.96
N ASP B 74 1.64 4.08 -14.65
CA ASP B 74 2.48 4.92 -13.81
C ASP B 74 3.88 4.42 -13.58
N LEU B 75 4.12 3.14 -13.83
CA LEU B 75 5.40 2.53 -13.54
C LEU B 75 6.35 2.44 -14.72
N THR B 76 7.64 2.49 -14.42
CA THR B 76 8.70 2.18 -15.35
C THR B 76 8.95 0.69 -15.33
N GLY B 77 9.38 0.13 -16.45
CA GLY B 77 9.78 -1.26 -16.45
C GLY B 77 11.03 -1.45 -15.63
N MET B 78 11.10 -2.51 -14.82
CA MET B 78 12.38 -2.80 -14.16
C MET B 78 12.88 -4.17 -14.60
N VAL B 79 14.14 -4.45 -14.30
CA VAL B 79 14.81 -5.66 -14.74
C VAL B 79 14.37 -6.84 -13.85
N LEU B 80 13.92 -7.93 -14.47
CA LEU B 80 13.62 -9.17 -13.75
C LEU B 80 14.71 -10.16 -14.09
N GLU B 81 15.38 -10.65 -13.06
CA GLU B 81 16.48 -11.56 -13.28
C GLU B 81 16.19 -12.90 -12.66
N GLU B 82 16.86 -13.94 -13.14
CA GLU B 82 16.66 -15.28 -12.59
C GLU B 82 17.53 -15.42 -11.35
N GLY B 83 16.98 -15.08 -10.20
CA GLY B 83 17.76 -15.09 -8.98
C GLY B 83 18.86 -14.05 -9.05
N CYS B 84 19.78 -14.11 -8.10
CA CYS B 84 20.90 -13.18 -8.03
C CYS B 84 22.18 -13.93 -7.68
N PRO B 85 23.33 -13.26 -7.81
CA PRO B 85 24.56 -13.95 -7.40
C PRO B 85 24.58 -14.29 -5.91
N GLU B 86 25.12 -15.46 -5.56
CA GLU B 86 25.29 -15.83 -4.17
C GLU B 86 25.99 -14.71 -3.42
N GLY B 87 25.50 -14.40 -2.22
CA GLY B 87 26.10 -13.37 -1.40
C GLY B 87 25.42 -12.02 -1.55
N THR B 88 24.64 -11.87 -2.62
CA THR B 88 23.84 -10.64 -2.79
C THR B 88 22.89 -10.43 -1.60
N VAL B 89 22.90 -9.22 -1.04
CA VAL B 89 21.92 -8.89 -0.01
C VAL B 89 20.69 -8.26 -0.66
N CYS B 90 19.56 -8.94 -0.52
CA CYS B 90 18.32 -8.46 -1.08
C CYS B 90 17.40 -7.99 0.02
N SER B 91 16.34 -7.30 -0.38
CA SER B 91 15.27 -6.96 0.52
CA SER B 91 15.26 -6.93 0.51
C SER B 91 14.02 -7.67 0.05
N VAL B 92 13.33 -8.33 0.99
CA VAL B 92 12.04 -8.92 0.66
C VAL B 92 10.99 -7.88 1.05
N LEU B 93 10.23 -7.42 0.07
CA LEU B 93 9.29 -6.31 0.33
C LEU B 93 7.97 -6.88 0.78
N ILE B 94 7.90 -7.21 2.06
CA ILE B 94 6.71 -7.78 2.61
C ILE B 94 5.67 -6.73 3.00
N LYS B 95 4.48 -6.85 2.43
CA LYS B 95 3.30 -6.14 2.95
C LYS B 95 2.47 -7.08 3.78
N ARG B 96 1.96 -6.56 4.91
CA ARG B 96 1.01 -7.33 5.70
C ARG B 96 -0.42 -6.85 5.43
N ASP B 97 -1.41 -7.68 5.73
CA ASP B 97 -2.82 -7.29 5.53
C ASP B 97 -3.21 -6.02 6.29
N SER B 98 -2.58 -5.79 7.44
CA SER B 98 -2.82 -4.56 8.23
C SER B 98 -2.38 -3.31 7.47
N GLY B 99 -1.51 -3.49 6.50
CA GLY B 99 -0.87 -2.36 5.85
C GLY B 99 0.59 -2.13 6.22
N GLU B 100 1.07 -2.85 7.25
CA GLU B 100 2.43 -2.70 7.70
C GLU B 100 3.39 -3.10 6.57
N LEU B 101 4.44 -2.31 6.40
CA LEU B 101 5.57 -2.66 5.55
C LEU B 101 6.67 -3.30 6.37
N LEU B 102 7.17 -4.42 5.88
CA LEU B 102 8.22 -5.12 6.62
C LEU B 102 9.31 -5.54 5.66
N PRO B 103 10.21 -4.62 5.30
CA PRO B 103 11.28 -5.03 4.39
C PRO B 103 12.23 -5.90 5.19
N LEU B 104 12.46 -7.11 4.72
CA LEU B 104 13.41 -8.00 5.39
C LEU B 104 14.69 -8.14 4.60
N ALA B 105 15.84 -7.88 5.22
CA ALA B 105 17.13 -8.09 4.54
C ALA B 105 17.52 -9.57 4.58
N VAL B 106 18.01 -10.07 3.45
CA VAL B 106 18.30 -11.49 3.35
C VAL B 106 19.57 -11.67 2.52
N ARG B 107 20.53 -12.42 3.02
CA ARG B 107 21.72 -12.72 2.24
C ARG B 107 21.47 -14.01 1.44
N MET B 108 21.53 -13.89 0.12
CA MET B 108 21.07 -14.97 -0.74
C MET B 108 22.13 -16.04 -0.90
N GLY B 109 21.66 -17.28 -0.95
CA GLY B 109 22.50 -18.43 -1.18
C GLY B 109 22.34 -18.96 -2.59
N ALA B 110 22.33 -20.27 -2.75
CA ALA B 110 22.46 -20.85 -4.08
C ALA B 110 21.10 -21.10 -4.68
N ILE B 111 21.04 -21.05 -6.00
CA ILE B 111 19.84 -21.40 -6.72
C ILE B 111 19.85 -22.92 -6.80
N ALA B 112 18.68 -23.52 -6.61
CA ALA B 112 18.52 -24.96 -6.69
C ALA B 112 17.07 -25.36 -6.89
N SER B 113 16.89 -26.56 -7.41
CA SER B 113 15.57 -27.17 -7.40
C SER B 113 15.30 -27.70 -6.02
N MET B 114 14.06 -27.54 -5.58
CA MET B 114 13.63 -27.92 -4.26
C MET B 114 12.24 -28.55 -4.25
N ARG B 115 12.05 -29.50 -3.34
CA ARG B 115 10.75 -30.10 -3.18
C ARG B 115 10.21 -29.66 -1.84
N ILE B 116 9.19 -28.81 -1.83
CA ILE B 116 8.72 -28.22 -0.61
C ILE B 116 7.24 -28.50 -0.48
N GLN B 117 6.88 -29.20 0.59
CA GLN B 117 5.52 -29.70 0.78
C GLN B 117 4.94 -30.26 -0.49
N GLY B 118 5.77 -31.04 -1.18
CA GLY B 118 5.31 -31.77 -2.35
C GLY B 118 5.39 -31.03 -3.66
N ARG B 119 5.61 -29.72 -3.65
CA ARG B 119 5.73 -28.98 -4.90
C ARG B 119 7.17 -28.74 -5.31
N LEU B 120 7.40 -28.76 -6.61
CA LEU B 120 8.70 -28.44 -7.18
C LEU B 120 8.92 -26.92 -7.23
N VAL B 121 9.98 -26.46 -6.60
CA VAL B 121 10.32 -25.04 -6.57
C VAL B 121 11.66 -24.84 -7.24
N HIS B 122 11.72 -23.96 -8.25
CA HIS B 122 13.00 -23.57 -8.80
C HIS B 122 13.32 -22.34 -7.99
N GLY B 123 14.24 -22.47 -7.03
CA GLY B 123 14.30 -21.43 -6.02
C GLY B 123 15.69 -20.99 -5.66
N GLN B 124 15.76 -19.98 -4.82
CA GLN B 124 17.03 -19.52 -4.28
C GLN B 124 16.82 -19.36 -2.79
N SER B 125 17.68 -19.99 -2.00
CA SER B 125 17.51 -19.88 -0.55
C SER B 125 18.25 -18.63 -0.09
N GLY B 126 17.90 -18.14 1.09
CA GLY B 126 18.55 -16.97 1.64
C GLY B 126 18.48 -17.06 3.16
N MET B 127 19.44 -16.44 3.84
CA MET B 127 19.40 -16.34 5.29
C MET B 127 19.00 -14.91 5.69
N LEU B 128 17.95 -14.80 6.51
CA LEU B 128 17.53 -13.50 7.02
C LEU B 128 18.65 -12.87 7.87
N LEU B 129 18.95 -11.61 7.60
CA LEU B 129 19.86 -10.88 8.43
C LEU B 129 19.08 -10.19 9.54
N LEU B 139 12.55 -10.93 13.27
CA LEU B 139 11.56 -10.66 12.24
C LEU B 139 11.59 -11.74 11.15
N GLY B 140 10.45 -12.37 10.90
CA GLY B 140 10.37 -13.47 9.97
C GLY B 140 9.18 -13.38 9.03
N THR B 141 9.01 -14.42 8.24
CA THR B 141 7.92 -14.48 7.27
C THR B 141 6.86 -15.40 7.79
N ILE B 142 5.65 -15.24 7.25
CA ILE B 142 4.48 -15.95 7.69
C ILE B 142 3.57 -16.36 6.57
N PRO B 143 2.61 -17.24 6.88
CA PRO B 143 1.65 -17.61 5.86
C PRO B 143 0.93 -16.34 5.40
N GLY B 144 0.77 -16.21 4.11
CA GLY B 144 0.19 -15.00 3.54
C GLY B 144 1.18 -14.03 2.91
N ASP B 145 2.46 -14.24 3.20
CA ASP B 145 3.56 -13.43 2.67
C ASP B 145 4.01 -13.87 1.26
N CYS B 146 3.55 -15.03 0.80
CA CYS B 146 4.08 -15.52 -0.46
C CYS B 146 3.73 -14.58 -1.63
N GLY B 147 4.67 -14.47 -2.54
CA GLY B 147 4.54 -13.57 -3.71
C GLY B 147 5.28 -12.26 -3.51
N ALA B 148 5.68 -11.95 -2.26
CA ALA B 148 6.45 -10.74 -2.04
C ALA B 148 7.77 -10.77 -2.79
N PRO B 149 8.18 -9.64 -3.37
CA PRO B 149 9.36 -9.63 -4.24
C PRO B 149 10.66 -9.57 -3.48
N TYR B 150 11.68 -10.21 -4.04
CA TYR B 150 13.02 -10.09 -3.55
C TYR B 150 13.70 -9.13 -4.48
N VAL B 151 14.14 -8.00 -3.93
CA VAL B 151 14.77 -6.97 -4.75
C VAL B 151 16.14 -6.53 -4.27
N HIS B 152 16.89 -5.97 -5.19
CA HIS B 152 18.13 -5.30 -4.83
C HIS B 152 18.44 -4.20 -5.82
N LYS B 153 19.20 -3.21 -5.35
CA LYS B 153 19.56 -2.07 -6.18
C LYS B 153 20.99 -2.24 -6.65
N ARG B 154 21.14 -2.26 -7.96
CA ARG B 154 22.42 -2.46 -8.58
C ARG B 154 22.75 -1.18 -9.34
N GLY B 155 23.62 -0.35 -8.82
CA GLY B 155 23.89 0.93 -9.45
C GLY B 155 22.64 1.79 -9.39
N ASN B 156 22.24 2.33 -10.55
CA ASN B 156 21.00 3.11 -10.62
C ASN B 156 19.73 2.29 -10.58
N ASP B 157 19.83 0.98 -10.77
CA ASP B 157 18.67 0.19 -11.15
C ASP B 157 18.18 -0.67 -10.02
N TRP B 158 16.87 -0.67 -9.82
CA TRP B 158 16.28 -1.71 -8.99
C TRP B 158 16.02 -2.96 -9.78
N VAL B 159 16.35 -4.09 -9.19
CA VAL B 159 16.22 -5.36 -9.85
C VAL B 159 15.35 -6.25 -8.98
N VAL B 160 14.46 -7.02 -9.59
CA VAL B 160 13.68 -7.98 -8.83
C VAL B 160 14.18 -9.33 -9.30
N CYS B 161 14.35 -10.25 -8.37
CA CYS B 161 14.95 -11.51 -8.78
C CYS B 161 14.25 -12.74 -8.26
N GLY B 162 13.12 -12.57 -7.58
CA GLY B 162 12.37 -13.70 -7.06
C GLY B 162 11.10 -13.24 -6.34
N VAL B 163 10.26 -14.23 -6.03
CA VAL B 163 9.02 -14.00 -5.29
C VAL B 163 8.99 -15.01 -4.12
N HIS B 164 8.58 -14.51 -2.97
CA HIS B 164 8.63 -15.37 -1.78
C HIS B 164 7.78 -16.62 -1.88
N ALA B 165 8.37 -17.76 -1.52
CA ALA B 165 7.70 -19.05 -1.69
C ALA B 165 7.66 -19.89 -0.47
N ALA B 166 8.66 -19.82 0.41
CA ALA B 166 8.73 -20.75 1.54
C ALA B 166 9.69 -20.32 2.59
N ALA B 167 9.71 -21.02 3.74
CA ALA B 167 10.73 -20.79 4.73
C ALA B 167 10.89 -22.08 5.46
N THR B 168 12.06 -22.29 6.02
CA THR B 168 12.30 -23.45 6.89
C THR B 168 11.55 -23.36 8.20
N LYS B 169 11.41 -24.52 8.82
CA LYS B 169 10.90 -24.69 10.19
C LYS B 169 11.23 -23.53 11.15
N SER B 170 12.51 -23.33 11.40
CA SER B 170 12.98 -22.25 12.28
C SER B 170 12.51 -20.86 11.83
N GLY B 171 12.51 -20.63 10.51
CA GLY B 171 12.18 -19.32 9.98
C GLY B 171 13.39 -18.52 9.48
N ASN B 172 14.60 -18.95 9.86
CA ASN B 172 15.80 -18.15 9.53
C ASN B 172 16.21 -18.26 8.07
N THR B 173 15.85 -19.38 7.45
CA THR B 173 16.11 -19.52 6.03
C THR B 173 14.83 -19.31 5.23
N VAL B 174 14.92 -18.52 4.17
CA VAL B 174 13.78 -18.31 3.31
C VAL B 174 14.10 -18.75 1.88
N VAL B 175 13.06 -18.93 1.08
CA VAL B 175 13.25 -19.34 -0.30
C VAL B 175 12.35 -18.48 -1.20
N CYS B 176 12.92 -17.94 -2.26
CA CYS B 176 12.10 -17.31 -3.29
C CYS B 176 12.10 -18.22 -4.52
N ALA B 177 10.96 -18.21 -5.23
CA ALA B 177 10.87 -18.86 -6.53
C ALA B 177 11.51 -17.95 -7.54
N VAL B 178 12.20 -18.51 -8.52
CA VAL B 178 12.89 -17.68 -9.52
C VAL B 178 12.47 -18.11 -10.93
N GLN B 179 12.58 -17.21 -11.89
CA GLN B 179 12.10 -17.51 -13.24
C GLN B 179 13.14 -18.28 -14.03
N ALA B 180 12.82 -19.52 -14.37
CA ALA B 180 13.73 -20.43 -15.07
C ALA B 180 14.66 -19.69 -16.00
#